data_3U0F
#
_entry.id   3U0F
#
_cell.length_a   78.560
_cell.length_b   83.250
_cell.length_c   73.810
_cell.angle_alpha   90.000
_cell.angle_beta   121.200
_cell.angle_gamma   90.000
#
_symmetry.space_group_name_H-M   'C 1 2 1'
#
loop_
_entity.id
_entity.type
_entity.pdbx_description
1 polymer 'Beta-ketoacyl synthase'
2 non-polymer 'CHLORIDE ION'
3 non-polymer 'SODIUM ION'
4 non-polymer 7-hydroxy-2H-chromen-2-one
5 non-polymer METHANOL
6 water water
#
_entity_poly.entity_id   1
_entity_poly.type   'polypeptide(L)'
_entity_poly.pdbx_seq_one_letter_code
;GPGSMRRVVVTGMGIVSSIGSNTEEVTASLREAKSGISRAEEYAELGFRCQVHGAPDIDIESLVDRRAMRFHGRGTAWNH
IAMDQAIADAGLTEEEVSNERTGIIMGSGGPSTRTIVDSADITREKGPKRVGPFAVPKAMSSTASATLATFFKIKGINYS
ISSACATSNHCIGNAYEMIQYGKQDRMFAGGCEDLDWTLSVLFDAMGAMSSKYNDTPSTASRAYDKNRDGFVIAGGAGVL
VLEDLETALARGAKIYGEIVGYGATSDGYDMVAPSGEGAIRCMKMALSTVTSKIDYINPHATSTPAGDAPEIEAIRQIFG
AGDVCPPIAATKSLTGHSLGATGVQEAIYSLLMMQNNFICESAHIEELDPAFADMPIVRKRIDNVQLNTVLSNSFGFGGT
NATLVFQRYQG
;
_entity_poly.pdbx_strand_id   A
#
# COMPACT_ATOMS: atom_id res chain seq x y z
N MET A 5 3.96 11.64 24.27
CA MET A 5 4.14 10.60 23.24
CA MET A 5 4.08 10.56 23.22
C MET A 5 5.49 10.38 22.64
N ARG A 6 5.85 9.13 22.43
CA ARG A 6 7.17 8.83 21.88
C ARG A 6 7.19 9.06 20.39
N ARG A 7 8.39 9.33 19.88
CA ARG A 7 8.64 9.47 18.45
C ARG A 7 8.85 8.07 17.84
N VAL A 8 8.46 7.93 16.58
CA VAL A 8 8.41 6.64 15.90
C VAL A 8 9.06 6.76 14.53
N VAL A 9 9.98 5.85 14.24
CA VAL A 9 10.74 5.87 12.99
C VAL A 9 10.64 4.55 12.24
N VAL A 10 10.84 4.65 10.93
CA VAL A 10 10.88 3.51 10.01
C VAL A 10 12.33 3.06 9.85
N THR A 11 12.60 1.81 10.20
CA THR A 11 13.97 1.31 10.24
C THR A 11 14.26 0.18 9.25
N GLY A 12 13.25 -0.25 8.50
CA GLY A 12 13.42 -1.30 7.50
C GLY A 12 12.18 -1.36 6.63
N MET A 13 12.37 -1.81 5.39
CA MET A 13 11.30 -1.89 4.39
CA MET A 13 11.30 -1.89 4.41
C MET A 13 11.46 -3.17 3.57
N GLY A 14 10.33 -3.73 3.14
CA GLY A 14 10.31 -4.87 2.23
C GLY A 14 9.10 -4.73 1.32
N ILE A 15 9.24 -5.19 0.08
CA ILE A 15 8.19 -4.98 -0.90
C ILE A 15 8.20 -6.04 -2.00
N VAL A 16 6.99 -6.47 -2.37
CA VAL A 16 6.76 -7.26 -3.58
C VAL A 16 5.70 -6.49 -4.36
N SER A 17 6.05 -6.01 -5.53
CA SER A 17 5.20 -5.08 -6.30
CA SER A 17 5.15 -5.14 -6.28
C SER A 17 5.15 -5.44 -7.77
N SER A 18 4.10 -4.96 -8.45
CA SER A 18 4.05 -5.04 -9.90
C SER A 18 5.22 -4.30 -10.55
N ILE A 19 5.85 -3.36 -9.85
CA ILE A 19 7.00 -2.61 -10.39
C ILE A 19 8.34 -3.02 -9.77
N GLY A 20 8.37 -4.15 -9.08
CA GLY A 20 9.64 -4.69 -8.62
C GLY A 20 9.53 -5.64 -7.45
N SER A 21 10.48 -6.56 -7.35
CA SER A 21 10.47 -7.61 -6.32
C SER A 21 11.31 -7.27 -5.09
N ASN A 22 11.82 -6.05 -5.05
CA ASN A 22 12.57 -5.53 -3.91
C ASN A 22 12.68 -4.01 -4.06
N THR A 23 13.25 -3.32 -3.08
CA THR A 23 13.28 -1.87 -3.14
C THR A 23 14.15 -1.34 -4.28
N GLU A 24 15.22 -2.05 -4.63
CA GLU A 24 16.08 -1.58 -5.71
C GLU A 24 15.32 -1.60 -7.05
N GLU A 25 14.61 -2.69 -7.33
CA GLU A 25 13.85 -2.79 -8.58
C GLU A 25 12.74 -1.75 -8.61
N VAL A 26 12.07 -1.56 -7.49
CA VAL A 26 11.02 -0.56 -7.37
C VAL A 26 11.55 0.84 -7.64
N THR A 27 12.71 1.17 -7.07
CA THR A 27 13.31 2.48 -7.28
C THR A 27 13.60 2.72 -8.76
N ALA A 28 14.16 1.72 -9.43
CA ALA A 28 14.47 1.84 -10.86
C ALA A 28 13.19 2.08 -11.67
N SER A 29 12.12 1.36 -11.34
CA SER A 29 10.85 1.55 -12.04
C SER A 29 10.27 2.94 -11.84
N LEU A 30 10.35 3.45 -10.61
CA LEU A 30 9.87 4.80 -10.33
C LEU A 30 10.69 5.85 -11.09
N ARG A 31 12.01 5.69 -11.09
CA ARG A 31 12.89 6.65 -11.75
C ARG A 31 12.64 6.67 -13.27
N GLU A 32 12.41 5.51 -13.85
CA GLU A 32 12.28 5.41 -15.31
C GLU A 32 10.84 5.36 -15.81
N ALA A 33 9.88 5.54 -14.90
CA ALA A 33 8.46 5.45 -15.21
C ALA A 33 8.15 4.18 -15.99
N LYS A 34 8.64 3.05 -15.49
CA LYS A 34 8.42 1.73 -16.08
CA LYS A 34 8.42 1.73 -16.09
C LYS A 34 7.13 1.12 -15.54
N SER A 35 6.14 1.00 -16.42
CA SER A 35 4.84 0.48 -16.02
C SER A 35 4.93 -0.98 -15.61
N GLY A 36 4.16 -1.31 -14.58
CA GLY A 36 3.99 -2.69 -14.14
C GLY A 36 2.74 -3.38 -14.65
N ILE A 37 2.02 -2.75 -15.59
CA ILE A 37 0.74 -3.24 -16.04
C ILE A 37 0.89 -4.04 -17.34
N SER A 38 0.20 -5.17 -17.42
CA SER A 38 0.26 -6.08 -18.56
C SER A 38 -1.13 -6.64 -18.86
N ARG A 39 -1.23 -7.30 -20.01
CA ARG A 39 -2.46 -8.00 -20.39
C ARG A 39 -2.71 -9.18 -19.46
N ALA A 40 -3.98 -9.32 -19.06
CA ALA A 40 -4.45 -10.44 -18.27
C ALA A 40 -5.27 -11.35 -19.19
N GLU A 41 -4.59 -12.30 -19.83
CA GLU A 41 -5.23 -13.21 -20.79
C GLU A 41 -6.39 -13.98 -20.15
N GLU A 42 -6.24 -14.35 -18.88
CA GLU A 42 -7.27 -15.11 -18.20
C GLU A 42 -8.56 -14.33 -18.08
N TYR A 43 -8.45 -13.01 -17.87
CA TYR A 43 -9.65 -12.18 -17.76
C TYR A 43 -10.41 -12.18 -19.08
N ALA A 44 -9.68 -12.11 -20.19
CA ALA A 44 -10.31 -12.20 -21.50
C ALA A 44 -11.01 -13.56 -21.70
N GLU A 45 -10.36 -14.63 -21.29
CA GLU A 45 -10.92 -15.98 -21.41
C GLU A 45 -12.24 -16.10 -20.63
N LEU A 46 -12.31 -15.44 -19.48
CA LEU A 46 -13.50 -15.46 -18.64
C LEU A 46 -14.60 -14.49 -19.05
N GLY A 47 -14.33 -13.64 -20.04
CA GLY A 47 -15.31 -12.69 -20.54
C GLY A 47 -15.36 -11.35 -19.82
N PHE A 48 -14.29 -11.00 -19.10
CA PHE A 48 -14.22 -9.69 -18.44
C PHE A 48 -14.20 -8.58 -19.50
N ARG A 49 -14.68 -7.40 -19.11
CA ARG A 49 -14.45 -6.18 -19.89
C ARG A 49 -13.00 -5.72 -19.75
N CYS A 50 -12.54 -5.62 -18.51
CA CYS A 50 -11.14 -5.28 -18.21
C CYS A 50 -10.23 -6.48 -18.43
N GLN A 51 -9.16 -6.29 -19.19
CA GLN A 51 -8.22 -7.38 -19.49
C GLN A 51 -6.77 -6.97 -19.22
N VAL A 52 -6.58 -6.21 -18.14
CA VAL A 52 -5.26 -5.76 -17.71
C VAL A 52 -5.10 -5.97 -16.20
N HIS A 53 -3.86 -6.09 -15.75
CA HIS A 53 -3.54 -6.26 -14.33
C HIS A 53 -2.11 -5.88 -14.04
N GLY A 54 -1.79 -5.67 -12.77
CA GLY A 54 -0.43 -5.44 -12.30
C GLY A 54 0.06 -6.62 -11.49
N ALA A 55 0.79 -7.52 -12.15
CA ALA A 55 1.19 -8.79 -11.55
C ALA A 55 2.65 -8.75 -11.10
N PRO A 56 2.92 -9.08 -9.83
CA PRO A 56 4.32 -9.31 -9.46
C PRO A 56 4.95 -10.41 -10.31
N ASP A 57 6.27 -10.35 -10.42
CA ASP A 57 7.05 -11.37 -11.12
C ASP A 57 8.12 -11.83 -10.14
N ILE A 58 7.81 -12.88 -9.39
CA ILE A 58 8.67 -13.33 -8.31
C ILE A 58 8.45 -14.83 -8.07
N ASP A 59 9.55 -15.54 -7.80
CA ASP A 59 9.54 -16.99 -7.63
C ASP A 59 9.38 -17.31 -6.15
N ILE A 60 8.14 -17.51 -5.72
CA ILE A 60 7.84 -17.73 -4.29
C ILE A 60 8.58 -18.93 -3.72
N GLU A 61 8.58 -20.04 -4.45
CA GLU A 61 9.16 -21.30 -3.95
C GLU A 61 10.66 -21.19 -3.68
N SER A 62 11.32 -20.28 -4.39
CA SER A 62 12.76 -20.04 -4.19
C SER A 62 13.04 -19.19 -2.94
N LEU A 63 12.01 -18.56 -2.39
CA LEU A 63 12.15 -17.60 -1.29
C LEU A 63 11.44 -17.99 0.01
N VAL A 64 10.48 -18.89 -0.05
CA VAL A 64 9.73 -19.34 1.13
C VAL A 64 9.69 -20.86 1.05
N ASP A 65 10.21 -21.55 2.06
CA ASP A 65 10.30 -23.00 1.99
C ASP A 65 8.93 -23.66 2.17
N ARG A 66 8.88 -24.95 1.84
CA ARG A 66 7.61 -25.64 1.72
C ARG A 66 6.81 -25.66 3.02
N ARG A 67 7.46 -25.97 4.12
CA ARG A 67 6.74 -26.01 5.39
C ARG A 67 6.27 -24.62 5.79
N ALA A 68 7.08 -23.61 5.50
CA ALA A 68 6.73 -22.21 5.76
C ALA A 68 5.50 -21.77 4.94
N MET A 69 5.27 -22.43 3.80
CA MET A 69 4.12 -22.15 2.92
C MET A 69 2.80 -22.82 3.31
N ARG A 70 2.82 -23.68 4.32
CA ARG A 70 1.65 -24.50 4.62
C ARG A 70 0.35 -23.69 4.77
N PHE A 71 0.43 -22.54 5.42
CA PHE A 71 -0.76 -21.74 5.70
C PHE A 71 -0.86 -20.46 4.87
N HIS A 72 -0.04 -20.33 3.83
CA HIS A 72 -0.06 -19.15 2.99
C HIS A 72 -0.86 -19.31 1.72
N GLY A 73 -1.80 -18.39 1.51
CA GLY A 73 -2.27 -18.08 0.17
C GLY A 73 -1.19 -17.25 -0.53
N ARG A 74 -1.47 -16.86 -1.82
CA ARG A 74 -0.32 -16.26 -2.54
CA ARG A 74 -0.36 -16.23 -2.54
C ARG A 74 -0.16 -14.78 -2.08
N GLY A 75 -1.12 -14.12 -1.62
CA GLY A 75 -0.92 -12.78 -1.09
C GLY A 75 -0.06 -12.77 0.16
N THR A 76 -0.34 -13.67 1.11
CA THR A 76 0.42 -13.69 2.35
C THR A 76 1.81 -14.28 2.14
N ALA A 77 2.01 -15.13 1.12
CA ALA A 77 3.35 -15.57 0.74
C ALA A 77 4.19 -14.37 0.29
N TRP A 78 3.63 -13.52 -0.56
CA TRP A 78 4.30 -12.28 -0.90
C TRP A 78 4.58 -11.44 0.34
N ASN A 79 3.65 -11.41 1.29
CA ASN A 79 3.85 -10.65 2.52
C ASN A 79 4.98 -11.24 3.36
N HIS A 80 5.13 -12.57 3.36
CA HIS A 80 6.23 -13.26 4.04
C HIS A 80 7.56 -12.84 3.45
N ILE A 81 7.64 -12.78 2.13
CA ILE A 81 8.85 -12.34 1.45
C ILE A 81 9.17 -10.89 1.84
N ALA A 82 8.17 -10.02 1.82
CA ALA A 82 8.36 -8.63 2.21
C ALA A 82 8.82 -8.52 3.67
N MET A 83 8.31 -9.37 4.55
CA MET A 83 8.73 -9.37 5.94
CA MET A 83 8.74 -9.40 5.95
C MET A 83 10.20 -9.81 6.07
N ASP A 84 10.59 -10.86 5.35
CA ASP A 84 12.01 -11.27 5.33
C ASP A 84 12.89 -10.11 4.87
N GLN A 85 12.48 -9.42 3.80
CA GLN A 85 13.25 -8.29 3.31
C GLN A 85 13.37 -7.20 4.37
N ALA A 86 12.27 -6.89 5.04
CA ALA A 86 12.26 -5.80 6.03
C ALA A 86 13.15 -6.15 7.22
N ILE A 87 13.13 -7.40 7.67
CA ILE A 87 13.96 -7.86 8.76
C ILE A 87 15.45 -7.76 8.39
N ALA A 88 15.78 -8.17 7.18
CA ALA A 88 17.16 -8.10 6.68
C ALA A 88 17.63 -6.65 6.53
N ASP A 89 16.76 -5.80 6.02
CA ASP A 89 17.05 -4.38 5.83
C ASP A 89 17.33 -3.71 7.18
N ALA A 90 16.48 -4.01 8.17
CA ALA A 90 16.63 -3.46 9.51
C ALA A 90 17.80 -4.07 10.28
N GLY A 91 18.29 -5.23 9.84
CA GLY A 91 19.40 -5.89 10.51
C GLY A 91 19.04 -6.50 11.85
N LEU A 92 17.78 -6.89 12.02
CA LEU A 92 17.30 -7.37 13.30
C LEU A 92 17.81 -8.77 13.62
N THR A 93 18.15 -8.99 14.88
CA THR A 93 18.43 -10.33 15.39
C THR A 93 17.12 -11.08 15.61
N GLU A 94 17.22 -12.38 15.82
CA GLU A 94 16.05 -13.19 16.14
C GLU A 94 15.36 -12.69 17.41
N GLU A 95 16.14 -12.31 18.41
CA GLU A 95 15.56 -11.80 19.65
C GLU A 95 14.81 -10.49 19.47
N GLU A 96 15.28 -9.67 18.53
CA GLU A 96 14.61 -8.40 18.21
C GLU A 96 13.30 -8.59 17.45
N VAL A 97 13.19 -9.69 16.70
CA VAL A 97 11.96 -10.02 16.01
C VAL A 97 10.90 -10.60 16.97
N SER A 98 11.37 -11.45 17.89
CA SER A 98 10.52 -12.26 18.76
C SER A 98 10.68 -11.88 20.24
N ASN A 99 9.81 -11.01 20.72
CA ASN A 99 9.84 -10.56 22.11
C ASN A 99 8.53 -9.87 22.44
N GLU A 100 8.28 -9.70 23.73
CA GLU A 100 6.98 -9.18 24.18
C GLU A 100 6.74 -7.71 23.80
N ARG A 101 7.80 -6.99 23.45
CA ARG A 101 7.70 -5.58 23.08
C ARG A 101 7.55 -5.34 21.58
N THR A 102 7.44 -6.42 20.81
CA THR A 102 7.44 -6.36 19.36
C THR A 102 6.21 -7.07 18.81
N GLY A 103 5.44 -6.34 17.99
CA GLY A 103 4.16 -6.82 17.50
C GLY A 103 4.01 -6.70 15.99
N ILE A 104 2.81 -7.05 15.52
CA ILE A 104 2.49 -7.06 14.10
C ILE A 104 1.04 -6.63 13.88
N ILE A 105 0.86 -5.66 13.00
CA ILE A 105 -0.46 -5.31 12.47
C ILE A 105 -0.32 -5.33 10.96
N MET A 106 -0.91 -6.36 10.35
CA MET A 106 -0.65 -6.69 8.94
C MET A 106 -1.98 -7.10 8.36
N GLY A 107 -2.43 -6.45 7.29
CA GLY A 107 -3.79 -6.65 6.80
C GLY A 107 -3.88 -6.88 5.31
N SER A 108 -5.05 -7.31 4.88
CA SER A 108 -5.38 -7.42 3.46
C SER A 108 -6.81 -6.94 3.27
N GLY A 109 -7.11 -6.46 2.07
CA GLY A 109 -8.46 -6.02 1.77
C GLY A 109 -9.48 -7.14 1.79
N GLY A 110 -9.02 -8.34 1.44
CA GLY A 110 -9.80 -9.56 1.59
C GLY A 110 -8.83 -10.69 1.90
N PRO A 111 -9.36 -11.88 2.18
CA PRO A 111 -8.46 -13.03 2.37
C PRO A 111 -8.19 -13.67 1.03
N SER A 112 -7.74 -14.92 1.06
CA SER A 112 -7.53 -15.65 -0.17
C SER A 112 -8.87 -16.10 -0.77
N THR A 113 -9.42 -15.28 -1.65
CA THR A 113 -10.64 -15.64 -2.35
C THR A 113 -10.43 -16.92 -3.16
N ARG A 114 -9.24 -17.12 -3.71
CA ARG A 114 -8.96 -18.35 -4.43
CA ARG A 114 -8.98 -18.35 -4.45
C ARG A 114 -9.10 -19.58 -3.55
N THR A 115 -8.59 -19.52 -2.31
CA THR A 115 -8.75 -20.65 -1.39
C THR A 115 -10.22 -20.93 -1.11
N ILE A 116 -11.01 -19.89 -0.92
CA ILE A 116 -12.43 -20.04 -0.65
C ILE A 116 -13.15 -20.71 -1.82
N VAL A 117 -12.90 -20.23 -3.04
CA VAL A 117 -13.55 -20.79 -4.23
C VAL A 117 -13.06 -22.22 -4.51
N ASP A 118 -11.75 -22.44 -4.46
CA ASP A 118 -11.22 -23.80 -4.69
C ASP A 118 -11.83 -24.79 -3.69
N SER A 119 -11.99 -24.36 -2.45
CA SER A 119 -12.55 -25.22 -1.40
C SER A 119 -14.01 -25.53 -1.69
N ALA A 120 -14.79 -24.54 -2.09
CA ALA A 120 -16.19 -24.77 -2.43
C ALA A 120 -16.31 -25.72 -3.63
N ASP A 121 -15.45 -25.51 -4.62
CA ASP A 121 -15.45 -26.36 -5.82
C ASP A 121 -15.10 -27.81 -5.46
N ILE A 122 -14.02 -28.01 -4.72
CA ILE A 122 -13.59 -29.38 -4.44
C ILE A 122 -14.59 -30.08 -3.50
N THR A 123 -15.23 -29.33 -2.60
CA THR A 123 -16.27 -29.91 -1.75
C THR A 123 -17.35 -30.56 -2.61
N ARG A 124 -17.78 -29.84 -3.64
CA ARG A 124 -18.87 -30.30 -4.48
C ARG A 124 -18.43 -31.40 -5.46
N GLU A 125 -17.17 -31.33 -5.92
CA GLU A 125 -16.64 -32.30 -6.90
CA GLU A 125 -16.63 -32.29 -6.89
C GLU A 125 -16.17 -33.60 -6.25
N LYS A 126 -15.45 -33.49 -5.13
CA LYS A 126 -14.76 -34.64 -4.51
C LYS A 126 -15.08 -34.87 -3.02
N GLY A 127 -15.80 -33.95 -2.39
CA GLY A 127 -16.21 -34.10 -0.99
C GLY A 127 -15.43 -33.20 -0.04
N PRO A 128 -16.03 -32.87 1.11
CA PRO A 128 -15.43 -31.94 2.07
C PRO A 128 -14.01 -32.29 2.54
N LYS A 129 -13.71 -33.58 2.72
CA LYS A 129 -12.37 -33.94 3.20
C LYS A 129 -11.27 -33.44 2.27
N ARG A 130 -11.59 -33.36 0.99
CA ARG A 130 -10.63 -32.99 -0.03
C ARG A 130 -10.30 -31.48 -0.08
N VAL A 131 -11.02 -30.69 0.72
CA VAL A 131 -10.61 -29.30 1.01
C VAL A 131 -9.23 -29.26 1.67
N GLY A 132 -8.92 -30.32 2.42
CA GLY A 132 -7.69 -30.41 3.20
C GLY A 132 -7.78 -29.62 4.49
N PRO A 133 -6.81 -29.83 5.39
CA PRO A 133 -6.88 -29.31 6.75
C PRO A 133 -6.22 -27.96 6.96
N PHE A 134 -5.71 -27.33 5.91
CA PHE A 134 -4.92 -26.10 6.06
C PHE A 134 -5.56 -24.85 5.44
N ALA A 135 -6.83 -24.94 5.06
CA ALA A 135 -7.53 -23.85 4.37
C ALA A 135 -7.98 -22.69 5.28
N VAL A 136 -8.30 -22.95 6.55
CA VAL A 136 -8.85 -21.88 7.42
C VAL A 136 -7.97 -20.64 7.54
N PRO A 137 -6.66 -20.79 7.84
CA PRO A 137 -5.81 -19.61 7.98
C PRO A 137 -5.56 -18.80 6.72
N LYS A 138 -5.79 -19.43 5.55
CA LYS A 138 -5.73 -18.74 4.26
C LYS A 138 -6.99 -17.95 3.96
N ALA A 139 -8.12 -18.49 4.44
CA ALA A 139 -9.43 -17.94 4.12
C ALA A 139 -9.91 -16.88 5.09
N MET A 140 -9.26 -16.77 6.24
CA MET A 140 -9.71 -15.84 7.26
C MET A 140 -9.16 -14.44 6.97
N SER A 141 -9.89 -13.42 7.41
CA SER A 141 -9.49 -12.04 7.14
C SER A 141 -8.18 -11.64 7.81
N SER A 142 -7.81 -12.34 8.88
CA SER A 142 -6.58 -12.08 9.61
C SER A 142 -5.39 -12.87 9.07
N THR A 143 -5.52 -13.46 7.90
CA THR A 143 -4.49 -14.31 7.35
C THR A 143 -3.07 -13.70 7.37
N ALA A 144 -2.95 -12.44 6.98
CA ALA A 144 -1.64 -11.81 6.91
C ALA A 144 -0.95 -11.71 8.27
N SER A 145 -1.71 -11.37 9.32
CA SER A 145 -1.12 -11.29 10.65
C SER A 145 -0.91 -12.67 11.27
N ALA A 146 -1.88 -13.55 11.14
CA ALA A 146 -1.80 -14.86 11.77
C ALA A 146 -0.62 -15.68 11.25
N THR A 147 -0.45 -15.71 9.94
CA THR A 147 0.58 -16.53 9.32
C THR A 147 1.97 -16.00 9.70
N LEU A 148 2.16 -14.69 9.61
CA LEU A 148 3.45 -14.09 9.90
C LEU A 148 3.74 -14.07 11.40
N ALA A 149 2.74 -13.78 12.23
CA ALA A 149 2.96 -13.80 13.68
C ALA A 149 3.40 -15.18 14.13
N THR A 150 2.77 -16.22 13.60
CA THR A 150 3.11 -17.58 14.00
C THR A 150 4.50 -17.95 13.51
N PHE A 151 4.76 -17.71 12.24
CA PHE A 151 6.02 -18.15 11.66
C PHE A 151 7.22 -17.40 12.24
N PHE A 152 7.09 -16.08 12.41
CA PHE A 152 8.18 -15.26 12.93
C PHE A 152 8.20 -15.18 14.46
N LYS A 153 7.34 -15.94 15.12
CA LYS A 153 7.34 -16.08 16.57
C LYS A 153 7.10 -14.74 17.27
N ILE A 154 6.17 -13.97 16.72
CA ILE A 154 5.81 -12.68 17.28
C ILE A 154 5.11 -12.91 18.62
N LYS A 155 5.50 -12.14 19.65
CA LYS A 155 4.94 -12.30 21.00
C LYS A 155 4.08 -11.15 21.50
N GLY A 156 4.15 -9.98 20.87
CA GLY A 156 3.39 -8.80 21.30
C GLY A 156 2.02 -8.74 20.64
N ILE A 157 1.69 -7.57 20.12
CA ILE A 157 0.40 -7.37 19.43
C ILE A 157 0.34 -8.25 18.18
N ASN A 158 -0.85 -8.77 17.89
CA ASN A 158 -1.06 -9.60 16.70
C ASN A 158 -2.51 -9.48 16.25
N TYR A 159 -2.77 -8.68 15.22
CA TYR A 159 -4.07 -8.65 14.56
C TYR A 159 -3.95 -7.96 13.20
N SER A 160 -5.05 -7.98 12.45
CA SER A 160 -5.12 -7.34 11.16
C SER A 160 -6.11 -6.19 11.24
N ILE A 161 -5.83 -5.09 10.55
CA ILE A 161 -6.87 -4.10 10.24
C ILE A 161 -7.19 -4.22 8.75
N SER A 162 -8.47 -4.13 8.41
CA SER A 162 -8.86 -3.99 7.03
CA SER A 162 -8.92 -4.06 7.01
C SER A 162 -9.80 -2.81 6.88
N SER A 163 -9.64 -2.16 5.73
CA SER A 163 -10.38 -0.96 5.38
C SER A 163 -10.25 -0.72 3.87
N ALA A 164 -10.44 -1.80 3.11
CA ALA A 164 -10.41 -1.75 1.65
C ALA A 164 -9.09 -1.10 1.21
N CYS A 165 -9.14 -0.09 0.34
CA CYS A 165 -7.93 0.59 -0.17
C CYS A 165 -7.05 1.19 0.91
N ALA A 166 -7.67 1.53 2.05
CA ALA A 166 -6.95 2.17 3.15
C ALA A 166 -6.24 1.18 4.08
N THR A 167 -6.42 -0.12 3.86
CA THR A 167 -6.01 -1.16 4.79
C THR A 167 -4.63 -0.96 5.40
N SER A 168 -3.59 -0.93 4.57
CA SER A 168 -2.25 -0.92 5.15
C SER A 168 -1.83 0.47 5.63
N ASN A 169 -2.53 1.52 5.22
CA ASN A 169 -2.34 2.83 5.86
C ASN A 169 -2.84 2.80 7.32
N HIS A 170 -4.02 2.26 7.55
CA HIS A 170 -4.50 2.10 8.93
C HIS A 170 -3.64 1.13 9.73
N CYS A 171 -3.14 0.06 9.11
CA CYS A 171 -2.23 -0.85 9.82
C CYS A 171 -0.99 -0.10 10.33
N ILE A 172 -0.38 0.70 9.46
CA ILE A 172 0.78 1.50 9.85
C ILE A 172 0.40 2.53 10.91
N GLY A 173 -0.72 3.22 10.72
CA GLY A 173 -1.13 4.26 11.68
C GLY A 173 -1.41 3.70 13.07
N ASN A 174 -2.11 2.57 13.14
CA ASN A 174 -2.37 1.96 14.44
C ASN A 174 -1.09 1.44 15.10
N ALA A 175 -0.18 0.88 14.30
CA ALA A 175 1.12 0.45 14.83
C ALA A 175 1.90 1.67 15.38
N TYR A 176 1.86 2.78 14.65
CA TYR A 176 2.43 4.05 15.10
C TYR A 176 1.88 4.45 16.46
N GLU A 177 0.56 4.40 16.61
CA GLU A 177 -0.08 4.72 17.88
C GLU A 177 0.41 3.82 19.00
N MET A 178 0.53 2.53 18.75
CA MET A 178 0.97 1.57 19.78
CA MET A 178 0.95 1.64 19.82
C MET A 178 2.34 1.96 20.32
N ILE A 179 3.22 2.38 19.42
CA ILE A 179 4.56 2.76 19.82
C ILE A 179 4.54 4.13 20.51
N GLN A 180 3.79 5.09 19.96
CA GLN A 180 3.66 6.42 20.59
C GLN A 180 3.24 6.34 22.04
N TYR A 181 2.25 5.50 22.30
CA TYR A 181 1.71 5.39 23.64
CA TYR A 181 1.64 5.38 23.61
C TYR A 181 2.44 4.44 24.55
N GLY A 182 3.53 3.84 24.06
CA GLY A 182 4.39 3.02 24.91
C GLY A 182 3.99 1.57 25.12
N LYS A 183 3.02 1.08 24.35
CA LYS A 183 2.56 -0.30 24.49
CA LYS A 183 2.57 -0.31 24.47
C LYS A 183 3.49 -1.32 23.79
N GLN A 184 4.15 -0.90 22.72
CA GLN A 184 5.11 -1.72 21.99
C GLN A 184 6.27 -0.83 21.61
N ASP A 185 7.46 -1.41 21.45
CA ASP A 185 8.65 -0.66 21.04
C ASP A 185 9.03 -0.89 19.57
N ARG A 186 8.59 -2.02 19.01
CA ARG A 186 8.84 -2.32 17.61
C ARG A 186 7.56 -2.95 17.05
N MET A 187 7.25 -2.59 15.80
CA MET A 187 6.09 -3.17 15.11
C MET A 187 6.44 -3.46 13.66
N PHE A 188 5.96 -4.61 13.18
CA PHE A 188 5.92 -4.90 11.76
C PHE A 188 4.54 -4.49 11.27
N ALA A 189 4.48 -3.60 10.29
CA ALA A 189 3.20 -3.06 9.84
C ALA A 189 3.14 -3.03 8.32
N GLY A 190 1.99 -3.30 7.76
CA GLY A 190 1.81 -3.30 6.32
C GLY A 190 0.66 -4.16 5.89
N GLY A 191 0.80 -4.80 4.75
CA GLY A 191 -0.28 -5.62 4.22
C GLY A 191 0.00 -6.16 2.86
N CYS A 192 -1.02 -6.83 2.32
CA CYS A 192 -0.88 -7.58 1.10
C CYS A 192 -2.23 -7.76 0.40
N GLU A 193 -2.16 -8.25 -0.83
CA GLU A 193 -3.33 -8.75 -1.54
C GLU A 193 -2.88 -9.75 -2.58
N ASP A 194 -3.58 -10.88 -2.66
CA ASP A 194 -3.41 -11.75 -3.83
C ASP A 194 -3.99 -11.05 -5.06
N LEU A 195 -3.58 -11.52 -6.22
CA LEU A 195 -4.15 -11.12 -7.51
C LEU A 195 -4.76 -12.37 -8.09
N ASP A 196 -6.08 -12.39 -8.26
CA ASP A 196 -6.78 -13.60 -8.68
C ASP A 196 -8.09 -13.22 -9.32
N TRP A 197 -8.47 -13.97 -10.35
CA TRP A 197 -9.74 -13.68 -11.04
C TRP A 197 -10.94 -13.68 -10.12
N THR A 198 -10.90 -14.50 -9.07
CA THR A 198 -12.03 -14.62 -8.15
C THR A 198 -12.28 -13.33 -7.35
N LEU A 199 -11.24 -12.50 -7.25
CA LEU A 199 -11.35 -11.16 -6.67
C LEU A 199 -11.60 -10.12 -7.78
N SER A 200 -10.78 -10.15 -8.81
CA SER A 200 -10.89 -9.17 -9.88
C SER A 200 -12.27 -9.11 -10.53
N VAL A 201 -12.93 -10.26 -10.65
CA VAL A 201 -14.24 -10.30 -11.30
C VAL A 201 -15.26 -9.44 -10.54
N LEU A 202 -15.11 -9.34 -9.23
CA LEU A 202 -16.04 -8.55 -8.43
C LEU A 202 -15.98 -7.08 -8.86
N PHE A 203 -14.77 -6.59 -9.13
CA PHE A 203 -14.59 -5.23 -9.62
C PHE A 203 -15.00 -5.07 -11.08
N ASP A 204 -14.74 -6.07 -11.93
CA ASP A 204 -15.16 -5.98 -13.32
C ASP A 204 -16.68 -5.90 -13.41
N ALA A 205 -17.37 -6.66 -12.58
CA ALA A 205 -18.83 -6.68 -12.60
C ALA A 205 -19.43 -5.34 -12.19
N MET A 206 -18.72 -4.56 -11.39
CA MET A 206 -19.22 -3.23 -11.05
C MET A 206 -18.75 -2.17 -12.04
N GLY A 207 -17.98 -2.57 -13.06
CA GLY A 207 -17.50 -1.64 -14.07
C GLY A 207 -16.39 -0.72 -13.60
N ALA A 208 -15.69 -1.10 -12.54
CA ALA A 208 -14.75 -0.21 -11.85
C ALA A 208 -13.36 -0.16 -12.47
N MET A 209 -13.02 -1.16 -13.28
CA MET A 209 -11.68 -1.30 -13.83
C MET A 209 -11.60 -0.87 -15.28
N SER A 210 -10.43 -0.39 -15.67
CA SER A 210 -10.16 0.07 -17.03
C SER A 210 -10.41 -1.00 -18.08
N SER A 211 -11.09 -0.61 -19.15
CA SER A 211 -11.32 -1.53 -20.27
C SER A 211 -11.11 -0.92 -21.67
N LYS A 212 -10.80 0.37 -21.77
CA LYS A 212 -10.62 1.00 -23.09
C LYS A 212 -9.17 0.99 -23.56
N TYR A 213 -8.26 0.45 -22.74
CA TYR A 213 -6.83 0.41 -23.05
C TYR A 213 -6.30 -1.03 -23.07
N ASN A 214 -7.18 -1.99 -23.32
CA ASN A 214 -6.74 -3.38 -23.31
C ASN A 214 -5.69 -3.68 -24.38
N ASP A 215 -5.73 -2.94 -25.48
CA ASP A 215 -4.74 -3.11 -26.55
C ASP A 215 -3.42 -2.37 -26.31
N THR A 216 -3.38 -1.50 -25.31
CA THR A 216 -2.13 -0.86 -24.85
C THR A 216 -2.05 -1.00 -23.33
N PRO A 217 -1.88 -2.24 -22.82
CA PRO A 217 -2.06 -2.45 -21.38
C PRO A 217 -1.16 -1.59 -20.52
N SER A 218 0.06 -1.32 -20.96
CA SER A 218 1.01 -0.62 -20.11
C SER A 218 0.55 0.78 -19.72
N THR A 219 -0.33 1.39 -20.50
CA THR A 219 -0.79 2.76 -20.24
C THR A 219 -2.25 2.83 -19.73
N ALA A 220 -2.82 1.70 -19.32
CA ALA A 220 -4.22 1.67 -18.91
C ALA A 220 -4.51 2.45 -17.62
N SER A 221 -3.54 2.48 -16.71
CA SER A 221 -3.65 3.24 -15.48
C SER A 221 -3.04 4.62 -15.70
N ARG A 222 -3.85 5.65 -15.54
CA ARG A 222 -3.51 6.99 -16.03
C ARG A 222 -4.24 8.05 -15.22
N ALA A 223 -3.94 8.08 -13.92
CA ALA A 223 -4.53 9.06 -13.03
C ALA A 223 -4.36 10.46 -13.61
N TYR A 224 -5.45 11.22 -13.55
CA TYR A 224 -5.52 12.62 -14.01
C TYR A 224 -5.62 12.81 -15.52
N ASP A 225 -5.52 11.74 -16.30
CA ASP A 225 -5.75 11.83 -17.73
C ASP A 225 -7.24 12.08 -17.98
N LYS A 226 -7.53 12.91 -18.97
CA LYS A 226 -8.89 13.24 -19.35
C LYS A 226 -9.72 11.99 -19.67
N ASN A 227 -9.05 10.99 -20.23
CA ASN A 227 -9.73 9.78 -20.68
C ASN A 227 -9.48 8.55 -19.80
N ARG A 228 -9.10 8.77 -18.55
CA ARG A 228 -9.07 7.68 -17.57
C ARG A 228 -10.43 6.99 -17.50
N ASP A 229 -10.44 5.67 -17.31
CA ASP A 229 -11.70 4.93 -17.38
C ASP A 229 -11.81 3.81 -16.34
N GLY A 230 -11.13 3.95 -15.21
CA GLY A 230 -11.19 2.94 -14.16
C GLY A 230 -9.82 2.51 -13.71
N PHE A 231 -9.76 1.91 -12.53
CA PHE A 231 -8.48 1.48 -11.98
C PHE A 231 -7.99 0.19 -12.62
N VAL A 232 -6.72 -0.09 -12.40
CA VAL A 232 -6.13 -1.35 -12.82
C VAL A 232 -5.74 -2.09 -11.54
N ILE A 233 -6.24 -3.31 -11.37
CA ILE A 233 -6.01 -4.07 -10.17
C ILE A 233 -4.61 -4.70 -10.18
N ALA A 234 -4.05 -4.86 -8.99
CA ALA A 234 -2.73 -5.41 -8.80
C ALA A 234 -2.71 -6.26 -7.55
N GLY A 235 -1.65 -7.06 -7.40
CA GLY A 235 -1.38 -7.77 -6.15
C GLY A 235 0.02 -7.46 -5.68
N GLY A 236 0.30 -7.81 -4.43
CA GLY A 236 1.63 -7.66 -3.86
C GLY A 236 1.60 -7.51 -2.36
N ALA A 237 2.67 -6.96 -1.81
CA ALA A 237 2.79 -6.78 -0.36
C ALA A 237 3.82 -5.74 -0.02
N GLY A 238 3.74 -5.23 1.20
CA GLY A 238 4.79 -4.38 1.76
C GLY A 238 4.83 -4.50 3.28
N VAL A 239 6.01 -4.25 3.84
CA VAL A 239 6.23 -4.24 5.28
C VAL A 239 7.15 -3.09 5.64
N LEU A 240 6.77 -2.38 6.70
CA LEU A 240 7.67 -1.46 7.39
C LEU A 240 8.00 -2.00 8.78
N VAL A 241 9.25 -1.81 9.19
CA VAL A 241 9.63 -1.98 10.59
C VAL A 241 9.56 -0.60 11.23
N LEU A 242 8.76 -0.48 12.29
CA LEU A 242 8.62 0.76 13.05
C LEU A 242 9.21 0.55 14.44
N GLU A 243 9.89 1.57 14.95
CA GLU A 243 10.50 1.51 16.29
CA GLU A 243 10.51 1.50 16.28
C GLU A 243 10.39 2.83 16.98
N ASP A 244 10.31 2.82 18.30
CA ASP A 244 10.41 4.10 19.01
C ASP A 244 11.83 4.64 18.78
N LEU A 245 11.96 5.96 18.80
CA LEU A 245 13.22 6.59 18.40
C LEU A 245 14.41 6.12 19.23
N GLU A 246 14.25 6.05 20.54
CA GLU A 246 15.38 5.64 21.39
C GLU A 246 15.86 4.23 21.03
N THR A 247 14.92 3.30 20.84
CA THR A 247 15.24 1.94 20.44
C THR A 247 16.05 1.92 19.14
N ALA A 248 15.59 2.67 18.16
CA ALA A 248 16.25 2.76 16.87
C ALA A 248 17.67 3.33 17.02
N LEU A 249 17.78 4.46 17.69
CA LEU A 249 19.09 5.10 17.85
C LEU A 249 20.07 4.18 18.56
N ALA A 250 19.61 3.54 19.63
CA ALA A 250 20.51 2.77 20.48
C ALA A 250 21.10 1.55 19.78
N ARG A 251 20.41 1.00 18.78
CA ARG A 251 20.94 -0.15 18.07
C ARG A 251 21.59 0.20 16.73
N GLY A 252 21.78 1.49 16.46
CA GLY A 252 22.40 1.91 15.21
C GLY A 252 21.54 1.63 13.99
N ALA A 253 20.22 1.75 14.14
CA ALA A 253 19.28 1.54 13.06
C ALA A 253 19.47 2.52 11.91
N LYS A 254 19.13 2.06 10.71
CA LYS A 254 18.86 2.96 9.59
C LYS A 254 17.54 3.65 9.90
N ILE A 255 17.43 4.94 9.60
CA ILE A 255 16.16 5.66 9.75
C ILE A 255 15.74 6.21 8.38
N TYR A 256 14.78 5.53 7.77
CA TYR A 256 14.25 5.92 6.47
C TYR A 256 13.35 7.14 6.59
N GLY A 257 12.79 7.36 7.77
CA GLY A 257 11.93 8.50 8.02
C GLY A 257 11.26 8.37 9.36
N GLU A 258 10.70 9.47 9.83
CA GLU A 258 9.93 9.52 11.05
C GLU A 258 8.46 9.67 10.68
N ILE A 259 7.58 8.88 11.32
CA ILE A 259 6.15 9.11 11.14
C ILE A 259 5.75 10.30 12.00
N VAL A 260 5.25 11.35 11.36
CA VAL A 260 4.94 12.60 12.09
C VAL A 260 3.45 12.97 12.07
N GLY A 261 2.63 12.26 11.30
CA GLY A 261 1.20 12.50 11.30
C GLY A 261 0.42 11.32 10.79
N TYR A 262 -0.80 11.18 11.30
CA TYR A 262 -1.71 10.10 10.94
C TYR A 262 -3.13 10.62 11.07
N GLY A 263 -3.90 10.54 9.99
CA GLY A 263 -5.31 10.87 10.00
C GLY A 263 -6.14 9.66 9.62
N ALA A 264 -7.31 9.57 10.24
CA ALA A 264 -8.28 8.51 9.95
C ALA A 264 -9.66 9.07 10.18
N THR A 265 -10.49 9.07 9.14
CA THR A 265 -11.86 9.58 9.22
C THR A 265 -12.80 8.71 8.39
N SER A 266 -14.07 9.11 8.37
CA SER A 266 -15.12 8.36 7.71
C SER A 266 -16.03 9.35 6.99
N ASP A 267 -16.40 9.03 5.75
CA ASP A 267 -17.29 9.89 4.97
C ASP A 267 -18.74 9.79 5.44
N GLY A 268 -19.19 8.60 5.77
CA GLY A 268 -20.59 8.39 6.11
C GLY A 268 -21.53 8.85 5.01
N TYR A 269 -21.21 8.50 3.76
CA TYR A 269 -21.88 9.07 2.60
C TYR A 269 -22.22 8.00 1.55
N ASP A 270 -21.25 7.60 0.74
CA ASP A 270 -21.48 6.60 -0.31
C ASP A 270 -20.51 5.44 -0.20
N MET A 271 -20.97 4.25 -0.56
CA MET A 271 -20.16 3.06 -0.48
C MET A 271 -18.99 3.02 -1.47
N VAL A 272 -19.16 3.60 -2.66
CA VAL A 272 -18.18 3.40 -3.74
C VAL A 272 -17.65 4.69 -4.37
N ALA A 273 -18.05 5.82 -3.83
CA ALA A 273 -17.56 7.13 -4.27
C ALA A 273 -17.25 7.96 -3.03
N PRO A 274 -16.22 8.79 -3.10
CA PRO A 274 -15.85 9.63 -1.96
C PRO A 274 -16.69 10.89 -1.84
N SER A 275 -16.83 11.42 -0.63
CA SER A 275 -17.54 12.68 -0.43
C SER A 275 -16.65 13.91 -0.63
N GLY A 276 -15.35 13.76 -0.45
CA GLY A 276 -14.41 14.88 -0.51
C GLY A 276 -14.18 15.52 0.86
N GLU A 277 -15.25 15.86 1.58
CA GLU A 277 -15.06 16.51 2.88
C GLU A 277 -14.40 15.57 3.90
N GLY A 278 -14.66 14.27 3.80
CA GLY A 278 -14.01 13.30 4.69
C GLY A 278 -12.50 13.31 4.50
N ALA A 279 -12.08 13.42 3.24
CA ALA A 279 -10.66 13.47 2.89
C ALA A 279 -10.01 14.75 3.42
N ILE A 280 -10.72 15.87 3.35
CA ILE A 280 -10.21 17.11 3.91
C ILE A 280 -9.96 16.93 5.41
N ARG A 281 -10.94 16.39 6.13
CA ARG A 281 -10.77 16.18 7.56
C ARG A 281 -9.63 15.22 7.87
N CYS A 282 -9.44 14.21 7.03
CA CYS A 282 -8.40 13.21 7.24
C CYS A 282 -7.02 13.82 7.06
N MET A 283 -6.82 14.56 5.97
CA MET A 283 -5.55 15.24 5.73
C MET A 283 -5.27 16.27 6.83
N LYS A 284 -6.28 17.03 7.24
CA LYS A 284 -6.08 18.01 8.31
C LYS A 284 -5.65 17.33 9.60
N MET A 285 -6.25 16.19 9.92
CA MET A 285 -5.87 15.45 11.13
C MET A 285 -4.41 15.01 11.05
N ALA A 286 -4.00 14.50 9.89
CA ALA A 286 -2.60 14.07 9.72
C ALA A 286 -1.64 15.27 9.84
N LEU A 287 -2.05 16.41 9.31
CA LEU A 287 -1.21 17.60 9.27
C LEU A 287 -1.17 18.36 10.60
N SER A 288 -2.08 18.04 11.52
CA SER A 288 -2.22 18.81 12.75
C SER A 288 -1.00 18.69 13.66
N THR A 289 -0.20 17.65 13.44
CA THR A 289 1.01 17.37 14.22
C THR A 289 2.30 17.61 13.41
N VAL A 290 2.17 18.23 12.25
CA VAL A 290 3.29 18.45 11.33
C VAL A 290 3.62 19.93 11.26
N THR A 291 4.90 20.25 11.37
N THR A 291 4.89 20.27 11.37
CA THR A 291 5.39 21.64 11.47
CA THR A 291 5.32 21.68 11.43
C THR A 291 6.35 22.05 10.35
C THR A 291 6.01 22.17 10.13
N SER A 292 6.45 21.23 9.30
CA SER A 292 7.17 21.60 8.09
CA SER A 292 7.19 21.52 8.09
C SER A 292 6.24 21.53 6.90
N LYS A 293 6.63 22.19 5.82
CA LYS A 293 5.84 22.14 4.60
C LYS A 293 5.87 20.72 4.04
N ILE A 294 4.86 20.40 3.26
CA ILE A 294 4.83 19.12 2.54
C ILE A 294 5.53 19.28 1.20
N ASP A 295 6.49 18.40 0.90
CA ASP A 295 7.29 18.50 -0.31
C ASP A 295 6.81 17.62 -1.47
N TYR A 296 5.90 16.69 -1.17
CA TYR A 296 5.41 15.73 -2.16
C TYR A 296 4.13 15.08 -1.59
N ILE A 297 3.12 14.95 -2.45
CA ILE A 297 1.88 14.24 -2.14
C ILE A 297 1.78 13.00 -3.03
N ASN A 298 1.68 11.85 -2.37
CA ASN A 298 1.35 10.59 -3.02
C ASN A 298 -0.16 10.38 -2.84
N PRO A 299 -0.95 10.69 -3.88
CA PRO A 299 -2.39 10.72 -3.72
C PRO A 299 -3.00 9.30 -3.68
N HIS A 300 -4.28 9.23 -3.33
CA HIS A 300 -5.06 8.02 -3.52
C HIS A 300 -5.23 7.68 -5.00
N ALA A 301 -5.47 8.74 -5.77
CA ALA A 301 -5.79 8.70 -7.21
C ALA A 301 -5.58 7.34 -7.91
N THR A 302 -6.69 6.67 -8.19
CA THR A 302 -6.68 5.32 -8.74
C THR A 302 -6.97 5.26 -10.25
N SER A 303 -7.15 6.42 -10.89
CA SER A 303 -7.43 6.52 -12.34
C SER A 303 -8.91 6.31 -12.66
N THR A 304 -9.77 6.84 -11.80
CA THR A 304 -11.22 6.74 -11.96
C THR A 304 -11.81 8.13 -12.17
N PRO A 305 -12.82 8.23 -13.04
CA PRO A 305 -13.50 9.52 -13.20
C PRO A 305 -13.98 10.11 -11.87
N ALA A 306 -14.69 9.32 -11.06
CA ALA A 306 -15.34 9.83 -9.85
C ALA A 306 -14.42 9.95 -8.63
N GLY A 307 -13.27 9.29 -8.66
CA GLY A 307 -12.36 9.28 -7.52
C GLY A 307 -11.24 10.31 -7.58
N ASP A 308 -10.61 10.47 -8.74
CA ASP A 308 -9.45 11.36 -8.83
C ASP A 308 -9.82 12.81 -8.48
N ALA A 309 -11.01 13.24 -8.91
CA ALA A 309 -11.40 14.65 -8.79
C ALA A 309 -11.69 15.17 -7.37
N PRO A 310 -12.51 14.45 -6.57
CA PRO A 310 -12.79 14.96 -5.22
C PRO A 310 -11.55 15.08 -4.35
N GLU A 311 -10.60 14.18 -4.52
CA GLU A 311 -9.33 14.28 -3.79
C GLU A 311 -8.55 15.54 -4.20
N ILE A 312 -8.50 15.81 -5.51
CA ILE A 312 -7.84 17.04 -5.98
C ILE A 312 -8.49 18.29 -5.36
N GLU A 313 -9.82 18.31 -5.30
CA GLU A 313 -10.50 19.45 -4.69
C GLU A 313 -10.19 19.55 -3.20
N ALA A 314 -10.10 18.41 -2.50
CA ALA A 314 -9.69 18.39 -1.10
C ALA A 314 -8.28 18.94 -0.91
N ILE A 315 -7.37 18.53 -1.78
CA ILE A 315 -6.00 19.03 -1.78
C ILE A 315 -5.96 20.54 -2.01
N ARG A 316 -6.74 21.00 -2.99
CA ARG A 316 -6.83 22.43 -3.29
C ARG A 316 -7.33 23.21 -2.07
N GLN A 317 -8.31 22.66 -1.34
N GLN A 317 -8.30 22.68 -1.34
CA GLN A 317 -8.86 23.34 -0.15
CA GLN A 317 -8.85 23.39 -0.17
C GLN A 317 -7.81 23.56 0.92
C GLN A 317 -7.84 23.54 0.96
N ILE A 318 -6.97 22.55 1.13
CA ILE A 318 -5.94 22.62 2.16
C ILE A 318 -4.70 23.39 1.73
N PHE A 319 -4.18 23.06 0.55
CA PHE A 319 -2.88 23.56 0.12
C PHE A 319 -2.92 24.70 -0.89
N GLY A 320 -4.08 24.94 -1.50
CA GLY A 320 -4.18 25.89 -2.61
C GLY A 320 -3.86 25.20 -3.93
N ALA A 321 -3.73 26.02 -4.98
CA ALA A 321 -3.45 25.53 -6.32
C ALA A 321 -2.10 26.03 -6.82
N GLY A 322 -1.65 25.48 -7.93
CA GLY A 322 -0.43 25.95 -8.58
C GLY A 322 0.82 25.70 -7.76
N ASP A 323 1.78 26.60 -7.88
CA ASP A 323 3.12 26.40 -7.31
C ASP A 323 3.13 26.31 -5.78
N VAL A 324 2.17 26.91 -5.10
CA VAL A 324 2.15 26.86 -3.64
C VAL A 324 1.68 25.51 -3.11
N CYS A 325 1.04 24.71 -3.96
CA CYS A 325 0.63 23.35 -3.61
C CYS A 325 1.81 22.38 -3.80
N PRO A 326 1.99 21.40 -2.90
CA PRO A 326 3.06 20.42 -3.10
C PRO A 326 2.90 19.66 -4.44
N PRO A 327 4.02 19.29 -5.07
CA PRO A 327 3.94 18.42 -6.25
C PRO A 327 3.17 17.13 -5.95
N ILE A 328 2.34 16.73 -6.91
CA ILE A 328 1.49 15.54 -6.81
C ILE A 328 1.89 14.57 -7.92
N ALA A 329 2.20 13.31 -7.55
CA ALA A 329 2.46 12.29 -8.57
C ALA A 329 1.81 10.98 -8.14
N ALA A 330 0.90 10.50 -8.99
CA ALA A 330 0.11 9.30 -8.75
C ALA A 330 0.92 8.08 -9.16
N THR A 331 1.44 7.34 -8.19
CA THR A 331 2.22 6.15 -8.50
C THR A 331 1.36 5.01 -9.05
N LYS A 332 0.05 5.03 -8.81
CA LYS A 332 -0.81 3.96 -9.33
C LYS A 332 -0.86 3.92 -10.86
N SER A 333 -0.49 5.01 -11.52
CA SER A 333 -0.38 4.98 -12.97
C SER A 333 0.67 3.97 -13.45
N LEU A 334 1.70 3.76 -12.64
CA LEU A 334 2.70 2.73 -12.90
C LEU A 334 2.35 1.36 -12.29
N THR A 335 1.79 1.38 -11.09
CA THR A 335 1.69 0.16 -10.28
C THR A 335 0.35 -0.55 -10.32
N GLY A 336 -0.70 0.16 -10.72
CA GLY A 336 -2.05 -0.29 -10.44
C GLY A 336 -2.37 -0.19 -8.96
N HIS A 337 -3.53 -0.72 -8.61
CA HIS A 337 -4.10 -0.61 -7.29
C HIS A 337 -4.10 -1.98 -6.64
N SER A 338 -3.21 -2.17 -5.65
CA SER A 338 -3.04 -3.46 -4.97
C SER A 338 -3.84 -3.59 -3.69
N LEU A 339 -4.85 -2.74 -3.52
CA LEU A 339 -5.88 -2.94 -2.51
C LEU A 339 -5.24 -2.97 -1.10
N GLY A 340 -5.25 -4.10 -0.40
CA GLY A 340 -4.59 -4.20 0.91
C GLY A 340 -3.15 -3.74 0.96
N ALA A 341 -2.41 -3.96 -0.12
CA ALA A 341 -0.99 -3.61 -0.16
C ALA A 341 -0.72 -2.16 -0.48
N THR A 342 -1.71 -1.41 -0.97
CA THR A 342 -1.48 -0.10 -1.56
CA THR A 342 -1.36 -0.13 -1.60
C THR A 342 -0.85 0.92 -0.60
N GLY A 343 -1.39 1.00 0.61
CA GLY A 343 -0.93 2.01 1.57
C GLY A 343 0.55 1.84 1.90
N VAL A 344 0.93 0.63 2.28
CA VAL A 344 2.33 0.40 2.66
C VAL A 344 3.25 0.51 1.45
N GLN A 345 2.82 0.05 0.29
CA GLN A 345 3.66 0.19 -0.90
C GLN A 345 3.88 1.66 -1.23
N GLU A 346 2.85 2.48 -1.12
CA GLU A 346 2.98 3.92 -1.40
C GLU A 346 3.83 4.64 -0.36
N ALA A 347 3.78 4.18 0.89
CA ALA A 347 4.71 4.67 1.91
C ALA A 347 6.13 4.37 1.48
N ILE A 348 6.37 3.14 1.04
CA ILE A 348 7.69 2.73 0.58
C ILE A 348 8.12 3.53 -0.65
N TYR A 349 7.26 3.70 -1.65
CA TYR A 349 7.63 4.50 -2.83
C TYR A 349 8.04 5.91 -2.40
N SER A 350 7.26 6.50 -1.49
CA SER A 350 7.51 7.87 -1.04
C SER A 350 8.82 7.97 -0.28
N LEU A 351 9.10 7.00 0.58
CA LEU A 351 10.36 6.97 1.34
C LEU A 351 11.56 6.73 0.43
N LEU A 352 11.40 5.91 -0.61
CA LEU A 352 12.47 5.67 -1.59
C LEU A 352 12.75 6.93 -2.42
N MET A 353 11.70 7.68 -2.77
CA MET A 353 11.87 8.93 -3.49
CA MET A 353 11.88 8.94 -3.48
C MET A 353 12.58 9.96 -2.61
N MET A 354 12.23 9.99 -1.33
CA MET A 354 12.92 10.83 -0.34
CA MET A 354 12.92 10.87 -0.39
C MET A 354 14.41 10.45 -0.25
N GLN A 355 14.69 9.16 -0.17
CA GLN A 355 16.07 8.69 -0.07
CA GLN A 355 16.07 8.69 -0.07
C GLN A 355 16.89 9.09 -1.29
N ASN A 356 16.28 9.05 -2.46
CA ASN A 356 16.98 9.23 -3.74
C ASN A 356 16.82 10.60 -4.40
N ASN A 357 16.16 11.53 -3.72
CA ASN A 357 16.13 12.92 -4.15
C ASN A 357 15.45 13.13 -5.51
N PHE A 358 14.35 12.43 -5.75
CA PHE A 358 13.57 12.67 -6.96
C PHE A 358 12.09 12.45 -6.72
N ILE A 359 11.25 13.06 -7.56
CA ILE A 359 9.82 12.80 -7.59
C ILE A 359 9.50 12.22 -8.96
N CYS A 360 8.88 11.05 -8.98
CA CYS A 360 8.55 10.39 -10.22
C CYS A 360 7.49 11.17 -11.02
N GLU A 361 7.52 10.95 -12.32
CA GLU A 361 6.42 11.37 -13.19
C GLU A 361 5.10 10.75 -12.71
N SER A 362 4.02 11.51 -12.84
CA SER A 362 2.67 10.97 -12.75
C SER A 362 2.38 10.43 -14.15
N ALA A 363 2.53 9.13 -14.32
CA ALA A 363 2.65 8.53 -15.65
C ALA A 363 1.36 8.48 -16.45
N HIS A 364 1.55 8.36 -17.78
CA HIS A 364 0.49 8.04 -18.74
C HIS A 364 -0.53 9.13 -18.92
N ILE A 365 -0.13 10.38 -18.63
CA ILE A 365 -0.99 11.53 -18.87
C ILE A 365 -0.73 12.00 -20.29
N GLU A 366 -1.56 11.51 -21.20
CA GLU A 366 -1.48 11.85 -22.61
C GLU A 366 -2.24 13.15 -22.87
N GLU A 367 -3.36 13.35 -22.18
CA GLU A 367 -4.09 14.61 -22.19
C GLU A 367 -4.60 14.88 -20.77
N LEU A 368 -4.05 15.89 -20.11
CA LEU A 368 -4.47 16.20 -18.75
C LEU A 368 -5.94 16.60 -18.74
N ASP A 369 -6.68 16.12 -17.76
CA ASP A 369 -8.06 16.56 -17.55
C ASP A 369 -8.02 18.07 -17.26
N PRO A 370 -8.73 18.89 -18.07
CA PRO A 370 -8.69 20.35 -17.82
C PRO A 370 -9.12 20.77 -16.42
N ALA A 371 -9.91 19.94 -15.74
CA ALA A 371 -10.31 20.22 -14.35
C ALA A 371 -9.11 20.32 -13.41
N PHE A 372 -7.98 19.74 -13.79
CA PHE A 372 -6.79 19.70 -12.94
C PHE A 372 -5.65 20.54 -13.48
N ALA A 373 -5.93 21.38 -14.47
CA ALA A 373 -4.89 22.18 -15.15
C ALA A 373 -4.18 23.17 -14.23
N ASP A 374 -4.82 23.53 -13.13
CA ASP A 374 -4.27 24.46 -12.14
C ASP A 374 -3.38 23.81 -11.09
N MET A 375 -3.22 22.49 -11.12
CA MET A 375 -2.52 21.77 -10.04
C MET A 375 -1.14 21.29 -10.48
N PRO A 376 -0.21 21.20 -9.51
CA PRO A 376 1.16 20.79 -9.83
C PRO A 376 1.35 19.26 -9.93
N ILE A 377 0.57 18.65 -10.82
CA ILE A 377 0.70 17.25 -11.15
C ILE A 377 1.98 17.09 -11.97
N VAL A 378 2.84 16.18 -11.53
CA VAL A 378 4.19 16.06 -12.08
C VAL A 378 4.14 15.41 -13.47
N ARG A 379 4.54 16.16 -14.49
CA ARG A 379 4.47 15.70 -15.88
C ARG A 379 5.77 15.07 -16.39
N LYS A 380 6.86 15.31 -15.65
CA LYS A 380 8.20 14.83 -15.97
C LYS A 380 8.94 14.70 -14.65
N ARG A 381 9.72 13.62 -14.51
CA ARG A 381 10.46 13.37 -13.28
C ARG A 381 11.23 14.61 -12.83
N ILE A 382 11.15 14.92 -11.54
CA ILE A 382 11.86 16.04 -10.95
C ILE A 382 13.08 15.49 -10.24
N ASP A 383 14.27 15.93 -10.67
CA ASP A 383 15.53 15.46 -10.11
C ASP A 383 16.17 16.48 -9.18
N ASN A 384 17.09 15.98 -8.37
CA ASN A 384 17.91 16.79 -7.49
C ASN A 384 17.06 17.71 -6.62
N VAL A 385 16.04 17.10 -6.03
CA VAL A 385 15.16 17.79 -5.11
C VAL A 385 15.31 17.13 -3.74
N GLN A 386 15.50 17.95 -2.71
CA GLN A 386 15.54 17.41 -1.36
C GLN A 386 14.12 17.40 -0.80
N LEU A 387 13.61 16.19 -0.61
CA LEU A 387 12.32 15.98 0.02
C LEU A 387 12.58 15.78 1.50
N ASN A 388 11.89 16.56 2.33
CA ASN A 388 11.96 16.38 3.78
C ASN A 388 10.68 15.87 4.41
N THR A 389 9.52 16.15 3.82
CA THR A 389 8.24 15.72 4.39
C THR A 389 7.33 15.30 3.25
N VAL A 390 6.76 14.11 3.35
CA VAL A 390 5.92 13.55 2.30
C VAL A 390 4.59 13.06 2.92
N LEU A 391 3.51 13.23 2.16
CA LEU A 391 2.15 12.89 2.60
C LEU A 391 1.57 11.87 1.64
N SER A 392 0.94 10.82 2.17
CA SER A 392 0.30 9.79 1.34
C SER A 392 -1.12 9.52 1.82
N ASN A 393 -2.07 9.62 0.88
CA ASN A 393 -3.48 9.29 1.10
C ASN A 393 -3.84 7.92 0.56
N SER A 394 -4.81 7.31 1.26
CA SER A 394 -5.53 6.13 0.79
CA SER A 394 -5.52 6.15 0.77
C SER A 394 -6.98 6.26 1.24
N PHE A 395 -7.90 6.19 0.29
CA PHE A 395 -9.33 6.42 0.58
C PHE A 395 -10.16 5.29 -0.01
N GLY A 396 -10.82 4.50 0.81
CA GLY A 396 -11.28 3.15 0.46
C GLY A 396 -12.79 3.07 0.42
N PHE A 397 -13.32 2.02 -0.19
CA PHE A 397 -14.76 1.76 -0.24
CA PHE A 397 -14.75 1.76 -0.25
C PHE A 397 -15.28 1.76 1.18
N GLY A 398 -16.52 2.20 1.33
CA GLY A 398 -17.12 2.37 2.62
C GLY A 398 -16.78 3.70 3.26
N GLY A 399 -16.23 4.63 2.49
CA GLY A 399 -15.92 5.97 2.98
C GLY A 399 -14.85 5.98 4.06
N THR A 400 -13.87 5.09 3.96
CA THR A 400 -12.83 4.99 4.97
C THR A 400 -11.55 5.71 4.50
N ASN A 401 -11.06 6.65 5.29
CA ASN A 401 -9.95 7.51 4.90
C ASN A 401 -8.77 7.36 5.84
N ALA A 402 -7.57 7.29 5.28
CA ALA A 402 -6.33 7.29 6.06
C ALA A 402 -5.25 8.09 5.34
N THR A 403 -4.54 8.91 6.10
CA THR A 403 -3.42 9.69 5.60
C THR A 403 -2.23 9.51 6.54
N LEU A 404 -1.05 9.35 5.96
CA LEU A 404 0.20 9.30 6.72
C LEU A 404 1.15 10.37 6.24
N VAL A 405 1.93 10.92 7.17
CA VAL A 405 2.98 11.88 6.85
C VAL A 405 4.30 11.38 7.43
N PHE A 406 5.33 11.33 6.57
CA PHE A 406 6.68 10.90 6.95
C PHE A 406 7.65 12.04 6.76
N GLN A 407 8.67 12.10 7.61
CA GLN A 407 9.63 13.18 7.57
C GLN A 407 11.05 12.66 7.67
N ARG A 408 11.95 13.28 6.90
CA ARG A 408 13.38 12.99 6.99
C ARG A 408 13.86 13.28 8.41
N TYR A 409 14.50 12.30 9.04
CA TYR A 409 14.99 12.47 10.41
C TYR A 409 16.28 13.28 10.42
N GLN A 410 16.23 14.42 11.12
CA GLN A 410 17.38 15.31 11.28
C GLN A 410 17.56 15.69 12.75
N GLY A 411 17.16 14.80 13.66
CA GLY A 411 17.23 15.06 15.10
C GLY A 411 15.87 15.30 15.73
#